data_2ZZP
#
_entry.id   2ZZP
#
_cell.length_a   49.250
_cell.length_b   93.146
_cell.length_c   101.999
_cell.angle_alpha   90.00
_cell.angle_beta   90.00
_cell.angle_gamma   90.00
#
_symmetry.space_group_name_H-M   'P 21 21 21'
#
loop_
_entity.id
_entity.type
_entity.pdbx_description
1 polymer 'Cysteine protease ATG4B'
2 polymer 'Microtubule-associated proteins 1A/1B light chain 3B'
3 water water
#
loop_
_entity_poly.entity_id
_entity_poly.type
_entity_poly.pdbx_seq_one_letter_code
_entity_poly.pdbx_strand_id
1 'polypeptide(L)'
;GPHMDAATLTYDTLRFAEFEDFPETSEPVWILGRKYSIFTEKDEILSDVASRLWFTYRKNFPAIGGTGPTSDTGWGSMLR
CGQMIFAQALVCRHLGRDWRWTQRKRQPDSYFSVLNAFIDRKDSYYSIHQIAQMGVGEGKSIGQWYGPNTVAQVLKKLAV
FDTWSSLAVHIAMDNTVVMEEIRRLCRTSVPCAGATAFPADSDRHCNGFPAGAEVTNRPSPWRPLVLLIPLRLGLTDINE
AYVETLKHCFMMPQSLGVIGGKPNSAHYFIGYVGEELIYLDPHTTQPAVEPTDGCFIPDESFHCQHPPCRMSIAELDPSI
AVGFFCKTEDDFNDWCQQVKKLSLLGGALPMFELVEQ
;
A
2 'polypeptide(L)'
;GPLGSMPSEKTFKQRRSFEQRVEDVRLIREQHPTKIPVIIERYKGEKQLPVLDKTKFLVPDHVNMSELIKIIRRRLQLNA
NQAFFLLVNGHSMVSVSTPISEVYESERDEDGFLYMVYASQETFGTALA
;
B
#
# COMPACT_ATOMS: atom_id res chain seq x y z
N LEU A 9 -50.70 6.48 8.98
CA LEU A 9 -50.15 5.10 8.96
C LEU A 9 -48.88 4.95 9.79
N THR A 10 -48.73 3.81 10.46
CA THR A 10 -47.55 3.55 11.27
C THR A 10 -46.69 2.56 10.48
N TYR A 11 -45.41 2.84 10.37
CA TYR A 11 -44.52 1.96 9.62
C TYR A 11 -43.39 1.33 10.44
N ASP A 12 -42.93 0.18 9.98
CA ASP A 12 -41.78 -0.49 10.60
C ASP A 12 -40.65 0.02 9.71
N THR A 13 -39.69 0.73 10.29
CA THR A 13 -38.57 1.28 9.52
C THR A 13 -37.41 0.32 9.30
N LEU A 14 -37.54 -0.91 9.80
CA LEU A 14 -36.49 -1.92 9.64
C LEU A 14 -35.11 -1.41 10.02
N ARG A 15 -35.00 -0.81 11.20
CA ARG A 15 -33.71 -0.28 11.66
C ARG A 15 -32.65 -1.38 11.75
N PHE A 16 -31.46 -1.08 11.23
CA PHE A 16 -30.32 -2.01 11.26
C PHE A 16 -30.39 -3.15 10.25
N ALA A 17 -31.31 -3.05 9.30
CA ALA A 17 -31.44 -4.07 8.26
C ALA A 17 -30.09 -4.26 7.58
N GLU A 18 -29.35 -3.16 7.42
CA GLU A 18 -28.04 -3.18 6.79
C GLU A 18 -27.04 -4.07 7.53
N PHE A 19 -27.21 -4.23 8.84
CA PHE A 19 -26.28 -5.06 9.60
C PHE A 19 -26.62 -6.54 9.62
N GLU A 20 -27.65 -6.94 8.86
CA GLU A 20 -28.03 -8.35 8.79
C GLU A 20 -26.84 -9.16 8.26
N ASP A 21 -25.82 -8.44 7.82
CA ASP A 21 -24.60 -9.03 7.31
C ASP A 21 -23.61 -9.24 8.44
N PHE A 22 -23.12 -8.13 8.98
CA PHE A 22 -22.13 -8.16 10.05
C PHE A 22 -22.31 -9.15 11.18
N PRO A 23 -21.20 -9.68 11.71
CA PRO A 23 -21.16 -10.66 12.80
C PRO A 23 -21.68 -10.09 14.12
N GLU A 24 -21.63 -10.91 15.17
CA GLU A 24 -22.11 -10.52 16.49
C GLU A 24 -21.00 -10.11 17.46
N THR A 25 -19.92 -10.90 17.48
CA THR A 25 -18.79 -10.66 18.38
C THR A 25 -18.65 -9.24 18.91
N SER A 26 -18.24 -9.14 20.17
CA SER A 26 -18.07 -7.85 20.82
C SER A 26 -16.71 -7.20 20.57
N GLU A 27 -15.85 -7.86 19.80
CA GLU A 27 -14.55 -7.27 19.50
C GLU A 27 -14.79 -5.93 18.82
N PRO A 28 -14.01 -4.90 19.20
CA PRO A 28 -14.18 -3.57 18.61
C PRO A 28 -13.96 -3.53 17.09
N VAL A 29 -14.46 -2.45 16.49
CA VAL A 29 -14.33 -2.25 15.05
C VAL A 29 -13.53 -0.97 14.85
N TRP A 30 -12.43 -1.09 14.12
CA TRP A 30 -11.60 0.08 13.84
C TRP A 30 -11.77 0.48 12.37
N ILE A 31 -12.07 1.76 12.17
CA ILE A 31 -12.25 2.34 10.84
C ILE A 31 -11.37 3.59 10.76
N LEU A 32 -10.32 3.53 9.95
CA LEU A 32 -9.43 4.67 9.76
C LEU A 32 -9.16 5.48 11.05
N GLY A 33 -8.59 4.82 12.05
CA GLY A 33 -8.26 5.49 13.30
C GLY A 33 -9.38 5.74 14.31
N ARG A 34 -10.56 5.15 14.06
CA ARG A 34 -11.70 5.30 14.96
C ARG A 34 -12.19 3.94 15.44
N LYS A 35 -12.49 3.86 16.74
CA LYS A 35 -12.96 2.62 17.35
C LYS A 35 -14.47 2.68 17.61
N TYR A 36 -15.16 1.57 17.39
CA TYR A 36 -16.61 1.51 17.61
C TYR A 36 -17.03 0.16 18.17
N SER A 37 -18.21 0.13 18.78
CA SER A 37 -18.76 -1.11 19.32
C SER A 37 -19.94 -1.52 18.43
N ILE A 38 -19.96 -2.78 18.01
CA ILE A 38 -21.04 -3.27 17.17
C ILE A 38 -22.39 -3.23 17.90
N PHE A 39 -22.33 -3.32 19.23
CA PHE A 39 -23.52 -3.33 20.07
C PHE A 39 -24.29 -2.01 20.18
N THR A 40 -23.60 -0.92 20.47
CA THR A 40 -24.29 0.36 20.63
C THR A 40 -23.99 1.43 19.60
N GLU A 41 -23.02 1.18 18.72
CA GLU A 41 -22.67 2.20 17.73
C GLU A 41 -22.86 1.83 16.25
N LYS A 42 -23.89 1.04 15.95
CA LYS A 42 -24.14 0.63 14.57
C LYS A 42 -24.38 1.84 13.67
N ASP A 43 -25.17 2.79 14.14
CA ASP A 43 -25.46 3.99 13.37
C ASP A 43 -24.18 4.77 13.05
N GLU A 44 -23.28 4.84 14.01
CA GLU A 44 -22.02 5.56 13.82
C GLU A 44 -21.14 4.83 12.82
N ILE A 45 -21.08 3.50 12.94
CA ILE A 45 -20.28 2.69 12.04
C ILE A 45 -20.74 2.87 10.59
N LEU A 46 -22.04 2.72 10.37
CA LEU A 46 -22.60 2.86 9.03
C LEU A 46 -22.39 4.27 8.47
N SER A 47 -22.51 5.28 9.33
CA SER A 47 -22.32 6.66 8.89
C SER A 47 -20.88 6.89 8.42
N ASP A 48 -19.93 6.36 9.17
CA ASP A 48 -18.53 6.54 8.84
C ASP A 48 -18.17 5.82 7.54
N VAL A 49 -18.63 4.58 7.40
CA VAL A 49 -18.36 3.80 6.20
C VAL A 49 -19.04 4.40 4.96
N ALA A 50 -20.31 4.77 5.11
CA ALA A 50 -21.06 5.33 3.99
C ALA A 50 -20.51 6.67 3.54
N SER A 51 -19.91 7.42 4.47
CA SER A 51 -19.36 8.72 4.14
C SER A 51 -18.11 8.65 3.28
N ARG A 52 -17.34 7.57 3.38
CA ARG A 52 -16.13 7.45 2.56
C ARG A 52 -16.49 7.45 1.06
N LEU A 53 -15.65 8.07 0.24
CA LEU A 53 -15.88 8.11 -1.19
C LEU A 53 -15.56 6.74 -1.79
N TRP A 54 -16.57 6.14 -2.40
CA TRP A 54 -16.48 4.82 -2.99
C TRP A 54 -16.40 4.88 -4.51
N PHE A 55 -15.36 4.28 -5.10
CA PHE A 55 -15.22 4.30 -6.57
C PHE A 55 -15.16 2.91 -7.17
N THR A 56 -16.17 2.57 -7.95
CA THR A 56 -16.24 1.27 -8.60
C THR A 56 -15.88 1.41 -10.08
N TYR A 57 -15.99 0.30 -10.80
CA TYR A 57 -15.77 0.30 -12.23
C TYR A 57 -16.89 1.15 -12.82
N ARG A 58 -16.64 1.80 -13.95
CA ARG A 58 -17.67 2.60 -14.60
C ARG A 58 -17.69 2.21 -16.06
N LYS A 59 -18.80 2.51 -16.74
CA LYS A 59 -18.92 2.19 -18.15
C LYS A 59 -19.56 3.36 -18.88
N ASN A 60 -19.27 3.43 -20.18
CA ASN A 60 -19.80 4.48 -21.02
C ASN A 60 -19.30 5.87 -20.68
N PHE A 61 -18.02 5.98 -20.31
CA PHE A 61 -17.45 7.30 -20.05
C PHE A 61 -16.63 7.64 -21.29
N PRO A 62 -16.21 8.92 -21.46
CA PRO A 62 -15.43 9.29 -22.65
C PRO A 62 -14.22 8.38 -22.89
N ALA A 63 -14.01 8.00 -24.15
CA ALA A 63 -12.90 7.14 -24.53
C ALA A 63 -11.57 7.68 -24.02
N ILE A 64 -10.83 6.84 -23.31
CA ILE A 64 -9.54 7.22 -22.75
C ILE A 64 -8.51 7.43 -23.85
N GLY A 65 -8.00 8.65 -23.94
CA GLY A 65 -7.02 8.95 -24.97
C GLY A 65 -7.66 9.08 -26.34
N GLY A 66 -8.97 9.31 -26.36
CA GLY A 66 -9.68 9.47 -27.62
C GLY A 66 -10.14 8.18 -28.25
N THR A 67 -9.26 7.19 -28.33
CA THR A 67 -9.59 5.91 -28.95
C THR A 67 -9.50 4.73 -27.98
N GLY A 68 -9.23 5.03 -26.71
CA GLY A 68 -9.11 3.99 -25.71
C GLY A 68 -10.44 3.51 -25.16
N PRO A 69 -10.42 2.77 -24.04
CA PRO A 69 -11.63 2.23 -23.40
C PRO A 69 -12.62 3.27 -22.89
N THR A 70 -13.90 2.89 -22.90
CA THR A 70 -14.97 3.75 -22.40
C THR A 70 -15.45 3.14 -21.07
N SER A 71 -14.76 2.08 -20.65
CA SER A 71 -15.07 1.37 -19.40
C SER A 71 -13.78 0.84 -18.81
N ASP A 72 -13.73 0.63 -17.50
CA ASP A 72 -12.50 0.11 -16.90
C ASP A 72 -12.74 -1.23 -16.22
N THR A 73 -13.88 -1.84 -16.50
CA THR A 73 -14.23 -3.13 -15.92
C THR A 73 -13.14 -4.15 -16.23
N GLY A 74 -12.74 -4.92 -15.22
CA GLY A 74 -11.73 -5.93 -15.44
C GLY A 74 -10.28 -5.52 -15.33
N TRP A 75 -9.96 -4.25 -15.58
CA TRP A 75 -8.57 -3.84 -15.49
C TRP A 75 -8.30 -2.68 -14.53
N GLY A 76 -9.32 -1.89 -14.20
CA GLY A 76 -9.10 -0.77 -13.31
C GLY A 76 -9.22 -1.00 -11.81
N SER A 77 -9.29 -2.26 -11.37
CA SER A 77 -9.45 -2.52 -9.94
C SER A 77 -8.46 -1.78 -9.03
N MET A 78 -7.15 -1.92 -9.26
CA MET A 78 -6.18 -1.24 -8.39
C MET A 78 -6.20 0.28 -8.60
N LEU A 79 -6.58 0.74 -9.79
CA LEU A 79 -6.66 2.18 -10.03
C LEU A 79 -7.78 2.76 -9.17
N ARG A 80 -8.90 2.04 -9.09
CA ARG A 80 -10.03 2.48 -8.27
C ARG A 80 -9.67 2.49 -6.77
N CYS A 81 -8.90 1.50 -6.33
CA CYS A 81 -8.51 1.47 -4.93
C CYS A 81 -7.59 2.65 -4.64
N GLY A 82 -6.74 2.97 -5.60
CA GLY A 82 -5.83 4.10 -5.45
C GLY A 82 -6.63 5.38 -5.31
N GLN A 83 -7.70 5.49 -6.11
CA GLN A 83 -8.59 6.65 -6.07
C GLN A 83 -9.21 6.80 -4.69
N MET A 84 -9.69 5.67 -4.14
CA MET A 84 -10.35 5.70 -2.84
C MET A 84 -9.44 6.12 -1.69
N ILE A 85 -8.20 5.62 -1.65
CA ILE A 85 -7.33 6.02 -0.56
C ILE A 85 -6.90 7.49 -0.73
N PHE A 86 -6.68 7.91 -1.97
CA PHE A 86 -6.28 9.29 -2.18
C PHE A 86 -7.45 10.26 -1.90
N ALA A 87 -8.67 9.82 -2.20
CA ALA A 87 -9.85 10.64 -1.95
C ALA A 87 -10.04 10.80 -0.45
N GLN A 88 -9.74 9.75 0.32
CA GLN A 88 -9.86 9.82 1.76
C GLN A 88 -8.88 10.88 2.26
N ALA A 89 -7.68 10.92 1.68
CA ALA A 89 -6.70 11.92 2.08
C ALA A 89 -7.26 13.31 1.76
N LEU A 90 -7.83 13.47 0.57
CA LEU A 90 -8.42 14.75 0.19
C LEU A 90 -9.56 15.11 1.13
N VAL A 91 -10.38 14.12 1.46
CA VAL A 91 -11.49 14.35 2.35
C VAL A 91 -10.96 14.87 3.68
N CYS A 92 -9.92 14.23 4.20
CA CYS A 92 -9.33 14.66 5.46
C CYS A 92 -8.69 16.03 5.33
N ARG A 93 -8.14 16.34 4.16
CA ARG A 93 -7.50 17.63 3.97
C ARG A 93 -8.44 18.81 3.79
N HIS A 94 -9.57 18.59 3.12
CA HIS A 94 -10.54 19.66 2.87
C HIS A 94 -11.81 19.65 3.73
N LEU A 95 -12.17 18.50 4.30
CA LEU A 95 -13.39 18.40 5.10
C LEU A 95 -13.14 17.94 6.54
N GLY A 96 -12.04 17.23 6.76
CA GLY A 96 -11.75 16.75 8.10
C GLY A 96 -12.29 15.35 8.34
N ARG A 97 -11.63 14.62 9.23
CA ARG A 97 -12.00 13.25 9.57
C ARG A 97 -13.34 13.13 10.28
N ASP A 98 -13.84 14.24 10.83
CA ASP A 98 -15.12 14.22 11.53
C ASP A 98 -16.30 14.45 10.59
N TRP A 99 -16.01 14.88 9.37
CA TRP A 99 -17.06 15.11 8.39
C TRP A 99 -17.84 13.83 8.10
N ARG A 100 -19.13 13.98 7.82
CA ARG A 100 -19.99 12.85 7.49
C ARG A 100 -20.95 13.25 6.37
N TRP A 101 -21.25 12.28 5.51
CA TRP A 101 -22.15 12.50 4.38
C TRP A 101 -23.56 12.07 4.72
N THR A 102 -24.54 12.78 4.16
CA THR A 102 -25.94 12.45 4.35
C THR A 102 -26.63 12.62 3.02
N GLN A 103 -27.40 11.62 2.62
CA GLN A 103 -28.10 11.67 1.35
C GLN A 103 -29.15 12.77 1.33
N ARG A 104 -29.26 13.47 0.20
CA ARG A 104 -30.22 14.55 0.02
C ARG A 104 -29.98 15.76 0.93
N LYS A 105 -28.90 15.75 1.69
CA LYS A 105 -28.57 16.88 2.57
C LYS A 105 -27.43 17.68 1.94
N ARG A 106 -27.57 19.00 1.90
CA ARG A 106 -26.56 19.86 1.30
C ARG A 106 -25.17 19.64 1.91
N GLN A 107 -24.18 19.49 1.05
CA GLN A 107 -22.80 19.26 1.48
C GLN A 107 -21.93 20.46 1.10
N PRO A 108 -20.83 20.67 1.84
CA PRO A 108 -19.90 21.78 1.58
C PRO A 108 -19.43 21.78 0.12
N ASP A 109 -19.03 22.94 -0.38
CA ASP A 109 -18.55 23.05 -1.76
C ASP A 109 -17.27 22.25 -1.94
N SER A 110 -16.44 22.21 -0.90
CA SER A 110 -15.18 21.49 -0.96
C SER A 110 -15.48 20.02 -1.25
N TYR A 111 -16.61 19.53 -0.72
CA TYR A 111 -17.00 18.14 -0.96
C TYR A 111 -17.17 17.89 -2.44
N PHE A 112 -17.96 18.71 -3.11
CA PHE A 112 -18.17 18.53 -4.54
C PHE A 112 -16.89 18.75 -5.32
N SER A 113 -15.97 19.49 -4.73
CA SER A 113 -14.68 19.74 -5.35
C SER A 113 -13.84 18.47 -5.30
N VAL A 114 -13.95 17.74 -4.19
CA VAL A 114 -13.21 16.49 -4.04
C VAL A 114 -13.80 15.45 -4.99
N LEU A 115 -15.11 15.29 -4.94
CA LEU A 115 -15.78 14.32 -5.80
C LEU A 115 -15.51 14.58 -7.27
N ASN A 116 -15.56 15.85 -7.66
CA ASN A 116 -15.33 16.22 -9.04
C ASN A 116 -13.95 15.79 -9.53
N ALA A 117 -12.96 15.87 -8.64
CA ALA A 117 -11.60 15.49 -8.97
C ALA A 117 -11.48 14.02 -9.36
N PHE A 118 -12.50 13.22 -9.03
CA PHE A 118 -12.45 11.80 -9.35
C PHE A 118 -13.47 11.33 -10.37
N ILE A 119 -14.23 12.27 -10.92
CA ILE A 119 -15.23 11.93 -11.92
C ILE A 119 -14.51 11.43 -13.17
N ASP A 120 -15.15 10.52 -13.89
CA ASP A 120 -14.59 9.89 -15.08
C ASP A 120 -14.55 10.79 -16.32
N ARG A 121 -13.61 11.73 -16.32
CA ARG A 121 -13.43 12.65 -17.42
C ARG A 121 -11.99 13.15 -17.41
N LYS A 122 -11.43 13.35 -18.60
CA LYS A 122 -10.06 13.80 -18.77
C LYS A 122 -9.67 15.06 -17.99
N ASP A 123 -10.59 16.00 -17.83
CA ASP A 123 -10.30 17.25 -17.13
C ASP A 123 -10.20 17.17 -15.60
N SER A 124 -10.53 16.03 -15.01
CA SER A 124 -10.46 15.89 -13.55
C SER A 124 -9.06 15.46 -13.10
N TYR A 125 -8.56 16.08 -12.03
CA TYR A 125 -7.23 15.79 -11.50
C TYR A 125 -6.88 14.31 -11.33
N TYR A 126 -7.77 13.55 -10.70
CA TYR A 126 -7.48 12.12 -10.44
C TYR A 126 -8.45 11.14 -11.07
N SER A 127 -8.91 11.45 -12.28
CA SER A 127 -9.85 10.58 -12.99
C SER A 127 -9.14 9.35 -13.54
N ILE A 128 -9.92 8.34 -13.87
CA ILE A 128 -9.36 7.11 -14.43
C ILE A 128 -8.56 7.49 -15.67
N HIS A 129 -9.02 8.52 -16.38
CA HIS A 129 -8.34 8.99 -17.59
C HIS A 129 -6.93 9.49 -17.29
N GLN A 130 -6.81 10.37 -16.30
CA GLN A 130 -5.51 10.92 -15.92
C GLN A 130 -4.57 9.84 -15.41
N ILE A 131 -5.10 8.95 -14.56
CA ILE A 131 -4.30 7.88 -13.99
C ILE A 131 -3.75 6.93 -15.07
N ALA A 132 -4.64 6.41 -15.92
CA ALA A 132 -4.21 5.50 -16.96
C ALA A 132 -3.15 6.13 -17.89
N GLN A 133 -3.37 7.38 -18.30
CA GLN A 133 -2.44 8.04 -19.19
C GLN A 133 -1.12 8.43 -18.50
N MET A 134 -1.20 8.85 -17.24
CA MET A 134 0.03 9.20 -16.53
C MET A 134 0.82 7.90 -16.33
N GLY A 135 0.09 6.80 -16.20
CA GLY A 135 0.71 5.49 -15.99
C GLY A 135 1.61 5.05 -17.13
N VAL A 136 1.38 5.56 -18.34
CA VAL A 136 2.20 5.19 -19.48
C VAL A 136 3.66 5.60 -19.24
N GLY A 137 3.86 6.78 -18.67
CA GLY A 137 5.20 7.24 -18.37
C GLY A 137 5.87 6.40 -17.31
N GLU A 138 5.09 5.55 -16.65
CA GLU A 138 5.62 4.66 -15.62
C GLU A 138 5.83 3.28 -16.22
N GLY A 139 5.64 3.17 -17.54
CA GLY A 139 5.81 1.91 -18.23
C GLY A 139 4.56 1.05 -18.23
N LYS A 140 3.41 1.66 -17.96
CA LYS A 140 2.15 0.92 -17.93
C LYS A 140 1.22 1.29 -19.09
N SER A 141 0.95 0.32 -19.95
CA SER A 141 0.06 0.54 -21.08
C SER A 141 -1.35 0.82 -20.54
N ILE A 142 -2.15 1.53 -21.31
CA ILE A 142 -3.52 1.82 -20.90
C ILE A 142 -4.28 0.49 -20.95
N GLY A 143 -4.81 0.07 -19.80
CA GLY A 143 -5.52 -1.19 -19.73
C GLY A 143 -4.71 -2.27 -19.02
N GLN A 144 -3.47 -1.94 -18.67
CA GLN A 144 -2.60 -2.89 -17.98
C GLN A 144 -2.82 -2.83 -16.47
N TRP A 145 -2.87 -4.00 -15.83
CA TRP A 145 -3.08 -4.09 -14.37
C TRP A 145 -1.97 -3.42 -13.57
N TYR A 146 -2.37 -2.76 -12.48
CA TYR A 146 -1.46 -2.04 -11.60
C TYR A 146 -1.20 -2.74 -10.25
N GLY A 147 -0.02 -2.47 -9.70
CA GLY A 147 0.34 -2.95 -8.38
C GLY A 147 0.21 -1.71 -7.49
N PRO A 148 0.30 -1.84 -6.15
CA PRO A 148 0.17 -0.68 -5.24
C PRO A 148 1.13 0.50 -5.47
N ASN A 149 2.43 0.22 -5.55
CA ASN A 149 3.42 1.28 -5.76
C ASN A 149 3.17 2.06 -7.03
N THR A 150 2.83 1.35 -8.10
CA THR A 150 2.58 2.02 -9.38
C THR A 150 1.46 3.05 -9.30
N VAL A 151 0.34 2.70 -8.68
CA VAL A 151 -0.74 3.65 -8.58
C VAL A 151 -0.38 4.81 -7.64
N ALA A 152 0.35 4.50 -6.57
CA ALA A 152 0.75 5.55 -5.64
C ALA A 152 1.69 6.53 -6.36
N GLN A 153 2.60 6.00 -7.18
CA GLN A 153 3.55 6.84 -7.92
C GLN A 153 2.83 7.75 -8.93
N VAL A 154 1.79 7.21 -9.58
CA VAL A 154 1.02 7.98 -10.56
C VAL A 154 0.23 9.08 -9.87
N LEU A 155 -0.33 8.77 -8.69
CA LEU A 155 -1.08 9.76 -7.94
C LEU A 155 -0.19 10.90 -7.51
N LYS A 156 1.05 10.57 -7.12
CA LYS A 156 1.98 11.61 -6.68
C LYS A 156 2.23 12.61 -7.82
N LYS A 157 2.37 12.10 -9.04
CA LYS A 157 2.60 12.97 -10.19
C LYS A 157 1.38 13.81 -10.52
N LEU A 158 0.19 13.24 -10.38
CA LEU A 158 -1.03 13.99 -10.67
C LEU A 158 -1.32 15.06 -9.61
N ALA A 159 -0.87 14.85 -8.38
CA ALA A 159 -1.11 15.81 -7.30
C ALA A 159 -0.34 17.11 -7.51
N VAL A 160 0.71 17.06 -8.32
CA VAL A 160 1.51 18.25 -8.61
C VAL A 160 0.64 19.33 -9.28
N PHE A 161 -0.28 18.90 -10.13
CA PHE A 161 -1.16 19.83 -10.84
C PHE A 161 -2.32 20.34 -9.99
N ASP A 162 -2.52 19.73 -8.83
CA ASP A 162 -3.61 20.12 -7.96
C ASP A 162 -3.17 21.17 -6.93
N THR A 163 -3.28 22.44 -7.34
CA THR A 163 -2.89 23.56 -6.49
C THR A 163 -3.92 23.85 -5.40
N TRP A 164 -5.15 23.41 -5.62
CA TRP A 164 -6.21 23.62 -4.64
C TRP A 164 -5.88 22.87 -3.35
N SER A 165 -5.35 21.65 -3.50
CA SER A 165 -5.00 20.85 -2.34
C SER A 165 -3.58 21.13 -1.86
N SER A 166 -2.69 21.43 -2.80
CA SER A 166 -1.29 21.72 -2.47
C SER A 166 -0.74 20.70 -1.48
N LEU A 167 -0.79 19.43 -1.87
CA LEU A 167 -0.32 18.35 -1.01
C LEU A 167 1.13 17.97 -1.21
N ALA A 168 1.71 17.41 -0.15
CA ALA A 168 3.09 16.93 -0.20
C ALA A 168 2.89 15.42 -0.18
N VAL A 169 3.19 14.75 -1.29
CA VAL A 169 3.03 13.31 -1.36
C VAL A 169 4.37 12.59 -1.31
N HIS A 170 4.62 11.89 -0.22
CA HIS A 170 5.86 11.16 -0.04
C HIS A 170 5.63 9.64 -0.13
N ILE A 171 6.35 8.99 -1.04
CA ILE A 171 6.23 7.55 -1.17
C ILE A 171 7.54 6.95 -0.67
N ALA A 172 7.50 6.42 0.55
CA ALA A 172 8.70 5.83 1.15
C ALA A 172 9.01 4.45 0.58
N MET A 173 10.17 4.34 -0.06
CA MET A 173 10.60 3.08 -0.68
C MET A 173 11.52 2.32 0.25
N ASP A 174 11.79 1.06 -0.09
CA ASP A 174 12.68 0.21 0.68
C ASP A 174 12.33 0.06 2.16
N ASN A 175 11.04 0.07 2.48
CA ASN A 175 10.58 -0.11 3.86
C ASN A 175 11.15 0.93 4.82
N THR A 176 11.59 2.06 4.30
CA THR A 176 12.17 3.08 5.14
C THR A 176 11.51 4.45 5.02
N VAL A 177 11.26 5.06 6.17
CA VAL A 177 10.65 6.38 6.22
C VAL A 177 11.69 7.37 6.77
N VAL A 178 12.23 8.20 5.88
CA VAL A 178 13.24 9.18 6.26
C VAL A 178 12.61 10.51 6.65
N MET A 179 12.50 10.75 7.95
CA MET A 179 11.90 11.98 8.46
C MET A 179 12.46 13.25 7.83
N GLU A 180 13.77 13.36 7.74
CA GLU A 180 14.41 14.54 7.16
C GLU A 180 13.97 14.83 5.73
N GLU A 181 13.72 13.80 4.95
CA GLU A 181 13.29 14.00 3.57
C GLU A 181 11.85 14.52 3.55
N ILE A 182 11.04 14.02 4.48
CA ILE A 182 9.64 14.43 4.58
C ILE A 182 9.54 15.90 5.02
N ARG A 183 10.35 16.29 5.99
CA ARG A 183 10.32 17.66 6.48
C ARG A 183 10.72 18.64 5.38
N ARG A 184 11.75 18.29 4.62
CA ARG A 184 12.21 19.15 3.52
C ARG A 184 11.14 19.27 2.45
N LEU A 185 10.38 18.19 2.23
CA LEU A 185 9.31 18.18 1.24
C LEU A 185 8.13 19.04 1.67
N CYS A 186 7.68 18.84 2.90
CA CYS A 186 6.55 19.58 3.44
C CYS A 186 6.83 21.06 3.70
N ARG A 187 8.11 21.41 3.87
CA ARG A 187 8.50 22.80 4.13
C ARG A 187 8.86 23.48 2.81
N THR A 188 8.97 22.69 1.74
CA THR A 188 9.29 23.21 0.42
C THR A 188 8.01 23.57 -0.30
N SER A 189 8.10 24.51 -1.24
CA SER A 189 6.93 24.93 -2.00
C SER A 189 7.24 25.00 -3.49
N PRO A 221 5.40 26.80 8.00
CA PRO A 221 5.24 26.39 6.60
C PRO A 221 5.18 24.88 6.48
N TRP A 222 4.03 24.35 6.08
CA TRP A 222 3.88 22.90 5.96
C TRP A 222 2.73 22.44 5.08
N ARG A 223 3.07 21.86 3.93
CA ARG A 223 2.07 21.34 3.01
C ARG A 223 1.52 20.05 3.63
N PRO A 224 0.18 19.87 3.59
CA PRO A 224 -0.43 18.66 4.15
C PRO A 224 0.28 17.42 3.59
N LEU A 225 0.62 16.48 4.45
CA LEU A 225 1.35 15.31 4.00
C LEU A 225 0.56 14.02 3.75
N VAL A 226 0.76 13.46 2.56
CA VAL A 226 0.14 12.19 2.21
C VAL A 226 1.33 11.23 2.16
N LEU A 227 1.41 10.35 3.14
CA LEU A 227 2.50 9.39 3.21
C LEU A 227 2.03 7.99 2.78
N LEU A 228 2.61 7.50 1.69
CA LEU A 228 2.27 6.17 1.17
C LEU A 228 3.51 5.28 1.25
N ILE A 229 3.33 4.09 1.81
CA ILE A 229 4.41 3.13 2.00
C ILE A 229 4.14 1.77 1.34
N PRO A 230 4.72 1.51 0.16
CA PRO A 230 4.51 0.24 -0.54
C PRO A 230 5.33 -0.86 0.16
N LEU A 231 4.72 -2.00 0.42
CA LEU A 231 5.39 -3.09 1.11
C LEU A 231 5.16 -4.46 0.47
N ARG A 232 6.00 -5.42 0.84
CA ARG A 232 5.92 -6.82 0.37
C ARG A 232 6.14 -7.60 1.66
N LEU A 233 5.05 -7.89 2.36
CA LEU A 233 5.09 -8.58 3.65
C LEU A 233 5.25 -10.10 3.64
N GLY A 234 5.97 -10.62 2.65
CA GLY A 234 6.16 -12.05 2.57
C GLY A 234 6.27 -12.45 1.11
N LEU A 235 6.44 -13.74 0.87
CA LEU A 235 6.57 -14.23 -0.49
C LEU A 235 5.21 -14.56 -1.11
N THR A 236 4.50 -15.52 -0.52
CA THR A 236 3.19 -15.92 -1.02
C THR A 236 2.07 -15.54 -0.06
N ASP A 237 2.43 -15.40 1.21
CA ASP A 237 1.45 -15.03 2.23
C ASP A 237 2.09 -14.02 3.16
N ILE A 238 1.28 -13.42 4.03
CA ILE A 238 1.79 -12.44 4.97
C ILE A 238 2.33 -13.18 6.19
N ASN A 239 3.53 -12.79 6.63
CA ASN A 239 4.13 -13.41 7.79
C ASN A 239 3.25 -13.04 8.97
N GLU A 240 2.96 -14.01 9.83
CA GLU A 240 2.10 -13.78 10.99
C GLU A 240 2.66 -12.74 11.94
N ALA A 241 3.96 -12.53 11.89
CA ALA A 241 4.61 -11.55 12.76
C ALA A 241 4.20 -10.11 12.44
N TYR A 242 3.75 -9.88 11.20
CA TYR A 242 3.35 -8.54 10.77
C TYR A 242 1.90 -8.18 11.11
N VAL A 243 1.06 -9.19 11.31
CA VAL A 243 -0.36 -8.98 11.61
C VAL A 243 -0.66 -7.96 12.70
N GLU A 244 0.06 -8.01 13.81
CA GLU A 244 -0.21 -7.06 14.88
C GLU A 244 0.15 -5.64 14.45
N THR A 245 1.27 -5.50 13.76
CA THR A 245 1.71 -4.19 13.31
C THR A 245 0.71 -3.62 12.31
N LEU A 246 0.19 -4.48 11.44
CA LEU A 246 -0.78 -4.05 10.43
C LEU A 246 -2.06 -3.53 11.09
N LYS A 247 -2.50 -4.23 12.14
CA LYS A 247 -3.71 -3.81 12.86
C LYS A 247 -3.51 -2.40 13.41
N HIS A 248 -2.36 -2.14 14.00
CA HIS A 248 -2.10 -0.83 14.57
C HIS A 248 -2.05 0.26 13.52
N CYS A 249 -1.74 -0.11 12.29
CA CYS A 249 -1.68 0.87 11.21
C CYS A 249 -3.06 1.46 10.93
N PHE A 250 -4.12 0.75 11.31
CA PHE A 250 -5.49 1.22 11.14
C PHE A 250 -5.96 1.95 12.40
N MET A 251 -5.23 1.78 13.50
CA MET A 251 -5.61 2.39 14.77
C MET A 251 -5.06 3.78 15.06
N MET A 252 -4.37 4.37 14.09
CA MET A 252 -3.81 5.71 14.30
C MET A 252 -4.74 6.78 13.74
N PRO A 253 -4.72 7.98 14.34
CA PRO A 253 -5.57 9.09 13.89
C PRO A 253 -5.26 9.47 12.46
N GLN A 254 -4.00 9.31 12.07
CA GLN A 254 -3.53 9.65 10.73
C GLN A 254 -3.78 8.55 9.68
N SER A 255 -4.36 7.42 10.11
CA SER A 255 -4.62 6.29 9.22
C SER A 255 -5.53 6.50 8.00
N LEU A 256 -4.97 6.29 6.81
CA LEU A 256 -5.72 6.40 5.55
C LEU A 256 -6.13 5.01 5.08
N GLY A 257 -5.66 3.99 5.77
CA GLY A 257 -5.98 2.63 5.40
C GLY A 257 -4.90 1.95 4.59
N VAL A 258 -5.31 0.91 3.85
CA VAL A 258 -4.37 0.14 3.05
C VAL A 258 -4.96 -0.33 1.73
N ILE A 259 -4.16 -0.32 0.68
CA ILE A 259 -4.62 -0.84 -0.60
C ILE A 259 -3.83 -2.12 -0.90
N GLY A 260 -4.52 -3.09 -1.50
CA GLY A 260 -3.94 -4.37 -1.84
C GLY A 260 -5.11 -5.24 -2.21
N GLY A 261 -5.17 -6.45 -1.67
CA GLY A 261 -6.30 -7.31 -1.97
C GLY A 261 -6.01 -8.78 -1.77
N LYS A 262 -6.95 -9.59 -2.22
CA LYS A 262 -6.82 -11.05 -2.18
C LYS A 262 -6.27 -11.34 -3.56
N PRO A 263 -5.76 -12.55 -3.77
CA PRO A 263 -5.23 -12.85 -5.11
C PRO A 263 -6.35 -12.67 -6.14
N ASN A 264 -6.12 -11.77 -7.09
CA ASN A 264 -7.10 -11.49 -8.15
C ASN A 264 -8.28 -10.63 -7.69
N SER A 265 -8.02 -9.74 -6.74
CA SER A 265 -9.10 -8.88 -6.24
C SER A 265 -8.60 -7.71 -5.40
N ALA A 266 -8.47 -6.54 -6.01
CA ALA A 266 -7.99 -5.38 -5.27
C ALA A 266 -9.09 -4.82 -4.37
N HIS A 267 -8.70 -4.39 -3.17
CA HIS A 267 -9.63 -3.82 -2.22
C HIS A 267 -9.01 -2.61 -1.54
N TYR A 268 -9.86 -1.74 -0.99
CA TYR A 268 -9.39 -0.60 -0.22
C TYR A 268 -9.74 -0.95 1.21
N PHE A 269 -8.74 -1.36 2.00
CA PHE A 269 -8.96 -1.74 3.39
C PHE A 269 -9.02 -0.52 4.28
N ILE A 270 -10.15 -0.35 4.96
CA ILE A 270 -10.34 0.81 5.84
C ILE A 270 -10.27 0.48 7.32
N GLY A 271 -10.02 -0.78 7.66
CA GLY A 271 -9.94 -1.13 9.06
C GLY A 271 -10.05 -2.62 9.30
N TYR A 272 -10.47 -2.99 10.51
CA TYR A 272 -10.61 -4.40 10.84
C TYR A 272 -11.49 -4.63 12.06
N VAL A 273 -11.86 -5.88 12.26
CA VAL A 273 -12.65 -6.31 13.40
C VAL A 273 -12.25 -7.77 13.63
N GLY A 274 -11.62 -8.02 14.77
CA GLY A 274 -11.16 -9.38 15.07
C GLY A 274 -10.02 -9.75 14.16
N GLU A 275 -10.12 -10.90 13.50
CA GLU A 275 -9.10 -11.35 12.58
C GLU A 275 -9.56 -11.13 11.14
N GLU A 276 -10.38 -10.11 10.95
CA GLU A 276 -10.92 -9.80 9.63
C GLU A 276 -10.72 -8.35 9.23
N LEU A 277 -10.33 -8.14 7.98
CA LEU A 277 -10.15 -6.77 7.48
C LEU A 277 -11.49 -6.37 6.86
N ILE A 278 -11.84 -5.09 7.00
CA ILE A 278 -13.06 -4.59 6.39
C ILE A 278 -12.63 -3.66 5.26
N TYR A 279 -13.33 -3.74 4.14
CA TYR A 279 -12.95 -2.96 2.97
C TYR A 279 -14.09 -2.54 2.07
N LEU A 280 -13.75 -1.66 1.13
CA LEU A 280 -14.67 -1.18 0.12
C LEU A 280 -14.20 -1.88 -1.15
N ASP A 281 -15.15 -2.48 -1.88
CA ASP A 281 -14.86 -3.24 -3.09
C ASP A 281 -15.29 -2.48 -4.35
N PRO A 282 -14.38 -2.36 -5.33
CA PRO A 282 -14.69 -1.65 -6.58
C PRO A 282 -15.25 -2.57 -7.68
N HIS A 283 -15.34 -3.86 -7.40
CA HIS A 283 -15.79 -4.83 -8.39
C HIS A 283 -17.30 -4.87 -8.68
N THR A 284 -17.81 -3.77 -9.18
CA THR A 284 -19.22 -3.61 -9.55
C THR A 284 -19.17 -2.54 -10.63
N THR A 285 -19.78 -2.81 -11.77
CA THR A 285 -19.76 -1.83 -12.83
C THR A 285 -21.03 -1.00 -12.80
N GLN A 286 -20.86 0.32 -12.74
CA GLN A 286 -22.00 1.22 -12.72
C GLN A 286 -21.90 2.19 -13.88
N PRO A 287 -23.03 2.75 -14.31
CA PRO A 287 -23.05 3.71 -15.42
C PRO A 287 -22.30 4.96 -14.99
N ALA A 288 -21.52 5.52 -15.89
CA ALA A 288 -20.78 6.75 -15.59
C ALA A 288 -21.85 7.81 -15.26
N VAL A 289 -21.56 8.71 -14.33
CA VAL A 289 -22.54 9.72 -13.98
C VAL A 289 -22.64 10.78 -15.07
N GLU A 290 -23.78 10.80 -15.75
CA GLU A 290 -24.02 11.74 -16.83
C GLU A 290 -25.00 12.83 -16.41
N PRO A 291 -24.49 13.89 -15.74
CA PRO A 291 -25.33 15.01 -15.28
C PRO A 291 -26.19 15.62 -16.40
N ILE A 297 -23.99 17.16 -8.88
CA ILE A 297 -23.65 15.82 -9.35
C ILE A 297 -24.36 14.77 -8.50
N PRO A 298 -25.23 13.95 -9.12
CA PRO A 298 -25.92 12.92 -8.32
C PRO A 298 -24.83 12.00 -7.77
N ASP A 299 -24.63 12.03 -6.46
CA ASP A 299 -23.56 11.27 -5.81
C ASP A 299 -23.90 9.99 -5.06
N GLU A 300 -25.13 9.52 -5.13
CA GLU A 300 -25.50 8.31 -4.41
C GLU A 300 -24.61 7.11 -4.75
N SER A 301 -24.22 6.99 -6.03
CA SER A 301 -23.41 5.85 -6.44
C SER A 301 -21.97 5.89 -5.93
N PHE A 302 -21.56 6.99 -5.30
CA PHE A 302 -20.21 7.13 -4.77
C PHE A 302 -20.12 6.90 -3.27
N HIS A 303 -21.18 6.32 -2.71
CA HIS A 303 -21.23 6.02 -1.29
C HIS A 303 -21.79 4.62 -1.09
N CYS A 304 -21.05 3.79 -0.37
CA CYS A 304 -21.47 2.43 -0.11
C CYS A 304 -22.21 2.42 1.23
N GLN A 305 -23.53 2.47 1.15
CA GLN A 305 -24.38 2.54 2.34
C GLN A 305 -24.74 1.17 2.92
N HIS A 306 -23.71 0.40 3.27
CA HIS A 306 -23.88 -0.93 3.84
C HIS A 306 -22.67 -1.21 4.72
N PRO A 307 -22.80 -2.18 5.64
CA PRO A 307 -21.62 -2.46 6.46
C PRO A 307 -20.60 -2.96 5.45
N PRO A 308 -19.31 -2.67 5.66
CA PRO A 308 -18.26 -3.09 4.73
C PRO A 308 -18.03 -4.59 4.59
N CYS A 309 -17.47 -4.97 3.44
CA CYS A 309 -17.16 -6.37 3.17
C CYS A 309 -16.05 -6.78 4.13
N ARG A 310 -15.89 -8.08 4.32
CA ARG A 310 -14.87 -8.59 5.23
C ARG A 310 -14.09 -9.73 4.60
N MET A 311 -12.85 -9.90 5.04
CA MET A 311 -12.03 -11.00 4.58
C MET A 311 -11.00 -11.30 5.65
N SER A 312 -10.66 -12.57 5.80
CA SER A 312 -9.69 -12.98 6.80
C SER A 312 -8.34 -12.36 6.50
N ILE A 313 -7.68 -11.85 7.54
CA ILE A 313 -6.36 -11.24 7.38
C ILE A 313 -5.39 -12.21 6.72
N ALA A 314 -5.51 -13.49 7.05
CA ALA A 314 -4.63 -14.52 6.51
C ALA A 314 -4.73 -14.67 4.99
N GLU A 315 -5.83 -14.17 4.42
CA GLU A 315 -6.01 -14.26 2.97
C GLU A 315 -5.40 -13.05 2.26
N LEU A 316 -4.93 -12.07 3.03
CA LEU A 316 -4.34 -10.87 2.45
C LEU A 316 -3.06 -11.13 1.65
N ASP A 317 -3.03 -10.64 0.42
CA ASP A 317 -1.85 -10.79 -0.44
C ASP A 317 -0.76 -9.90 0.16
N PRO A 318 0.50 -10.38 0.18
CA PRO A 318 1.61 -9.60 0.75
C PRO A 318 1.97 -8.25 0.11
N SER A 319 1.48 -7.99 -1.10
CA SER A 319 1.78 -6.73 -1.80
C SER A 319 0.76 -5.65 -1.45
N ILE A 320 1.19 -4.67 -0.66
CA ILE A 320 0.31 -3.60 -0.23
C ILE A 320 0.98 -2.23 -0.22
N ALA A 321 0.19 -1.24 0.18
CA ALA A 321 0.64 0.13 0.33
C ALA A 321 -0.18 0.68 1.51
N VAL A 322 0.53 1.07 2.57
CA VAL A 322 -0.11 1.62 3.76
C VAL A 322 -0.05 3.13 3.60
N GLY A 323 -1.12 3.82 3.96
CA GLY A 323 -1.15 5.27 3.84
C GLY A 323 -1.42 6.01 5.14
N PHE A 324 -0.85 7.21 5.26
CA PHE A 324 -1.04 8.05 6.44
C PHE A 324 -1.14 9.49 6.01
N PHE A 325 -1.98 10.25 6.72
CA PHE A 325 -2.17 11.67 6.41
C PHE A 325 -1.82 12.52 7.62
N CYS A 326 -0.90 13.45 7.42
CA CYS A 326 -0.48 14.36 8.49
C CYS A 326 -0.71 15.80 8.06
N LYS A 327 -1.84 16.35 8.51
CA LYS A 327 -2.26 17.72 8.23
C LYS A 327 -1.17 18.74 8.50
N THR A 328 -0.57 18.67 9.68
CA THR A 328 0.48 19.62 10.05
C THR A 328 1.70 18.90 10.60
N GLU A 329 2.76 19.66 10.84
CA GLU A 329 4.00 19.08 11.37
C GLU A 329 3.76 18.40 12.72
N ASP A 330 2.89 19.00 13.54
CA ASP A 330 2.59 18.42 14.83
C ASP A 330 1.95 17.05 14.64
N ASP A 331 1.12 16.92 13.61
CA ASP A 331 0.47 15.64 13.32
C ASP A 331 1.53 14.63 12.90
N PHE A 332 2.51 15.08 12.13
CA PHE A 332 3.58 14.21 11.68
C PHE A 332 4.42 13.77 12.88
N ASN A 333 4.78 14.72 13.74
CA ASN A 333 5.58 14.39 14.90
C ASN A 333 4.82 13.41 15.77
N ASP A 334 3.50 13.56 15.84
CA ASP A 334 2.67 12.66 16.62
C ASP A 334 2.69 11.26 16.01
N TRP A 335 2.70 11.20 14.67
CA TRP A 335 2.72 9.93 13.94
C TRP A 335 4.02 9.19 14.24
N CYS A 336 5.15 9.88 14.12
CA CYS A 336 6.47 9.30 14.39
C CYS A 336 6.51 8.73 15.80
N GLN A 337 6.00 9.50 16.75
CA GLN A 337 5.96 9.09 18.14
C GLN A 337 5.22 7.78 18.27
N GLN A 338 4.09 7.67 17.57
CA GLN A 338 3.28 6.46 17.62
C GLN A 338 4.00 5.27 16.98
N VAL A 339 4.63 5.50 15.83
CA VAL A 339 5.35 4.43 15.16
C VAL A 339 6.44 3.90 16.09
N LYS A 340 7.14 4.83 16.75
CA LYS A 340 8.21 4.44 17.67
C LYS A 340 7.68 3.58 18.81
N LYS A 341 6.46 3.84 19.27
CA LYS A 341 5.91 3.06 20.38
C LYS A 341 5.52 1.65 19.95
N LEU A 342 5.44 1.42 18.64
CA LEU A 342 5.07 0.10 18.13
C LEU A 342 6.18 -0.93 18.29
N SER A 343 7.24 -0.57 19.01
CA SER A 343 8.34 -1.49 19.26
C SER A 343 7.89 -2.50 20.33
N LEU A 344 6.59 -2.82 20.32
CA LEU A 344 5.97 -3.76 21.25
C LEU A 344 6.05 -5.24 20.84
N LEU A 345 5.43 -6.11 21.65
CA LEU A 345 5.38 -7.54 21.43
C LEU A 345 5.70 -7.88 19.98
N ALA A 348 5.39 -9.06 17.02
CA ALA A 348 5.01 -7.93 16.19
C ALA A 348 6.20 -7.21 15.53
N LEU A 349 6.72 -7.78 14.45
CA LEU A 349 7.83 -7.15 13.74
C LEU A 349 7.35 -5.96 12.92
N PRO A 350 8.14 -4.88 12.89
CA PRO A 350 7.76 -3.69 12.12
C PRO A 350 7.76 -3.95 10.63
N MET A 351 6.85 -3.28 9.93
CA MET A 351 6.72 -3.41 8.49
C MET A 351 7.65 -2.42 7.82
N PHE A 352 7.94 -1.33 8.52
CA PHE A 352 8.81 -0.29 8.00
C PHE A 352 9.57 0.36 9.15
N GLU A 353 10.68 1.00 8.85
CA GLU A 353 11.48 1.65 9.88
C GLU A 353 11.55 3.15 9.73
N LEU A 354 11.53 3.83 10.88
CA LEU A 354 11.59 5.28 10.92
C LEU A 354 13.03 5.72 11.18
N VAL A 355 13.62 6.44 10.24
CA VAL A 355 14.99 6.92 10.41
C VAL A 355 15.00 8.43 10.21
N GLU A 356 15.92 9.11 10.90
CA GLU A 356 16.04 10.56 10.82
C GLU A 356 16.72 11.07 9.56
N GLN A 357 17.85 10.47 9.22
CA GLN A 357 18.60 10.89 8.05
C GLN A 357 19.00 9.69 7.21
N GLU B 9 14.90 -23.49 -15.12
CA GLU B 9 16.34 -23.71 -14.77
C GLU B 9 16.47 -23.91 -13.27
N LYS B 10 17.60 -24.50 -12.86
CA LYS B 10 17.86 -24.80 -11.46
C LYS B 10 18.38 -23.62 -10.63
N THR B 11 18.00 -23.59 -9.36
CA THR B 11 18.45 -22.56 -8.44
C THR B 11 19.84 -22.99 -7.98
N PHE B 12 20.49 -22.14 -7.19
CA PHE B 12 21.83 -22.43 -6.68
C PHE B 12 21.85 -23.74 -5.90
N LYS B 13 20.94 -23.86 -4.93
CA LYS B 13 20.86 -25.05 -4.09
C LYS B 13 20.60 -26.33 -4.88
N GLN B 14 20.01 -26.21 -6.06
CA GLN B 14 19.73 -27.37 -6.91
C GLN B 14 20.90 -27.79 -7.79
N ARG B 15 21.78 -26.83 -8.09
CA ARG B 15 22.94 -27.08 -8.94
C ARG B 15 24.15 -27.61 -8.17
N ARG B 16 24.19 -27.36 -6.88
CA ARG B 16 25.31 -27.80 -6.04
C ARG B 16 24.74 -28.50 -4.80
N SER B 17 25.29 -29.65 -4.47
CA SER B 17 24.83 -30.41 -3.32
C SER B 17 25.17 -29.65 -2.04
N PHE B 18 24.54 -30.09 -0.95
CA PHE B 18 24.75 -29.50 0.36
C PHE B 18 26.22 -29.56 0.80
N GLU B 19 26.83 -30.75 0.71
CA GLU B 19 28.22 -30.93 1.10
C GLU B 19 29.11 -30.05 0.23
N GLN B 20 28.74 -29.94 -1.04
CA GLN B 20 29.50 -29.14 -1.99
C GLN B 20 29.43 -27.65 -1.61
N ARG B 21 28.24 -27.19 -1.22
CA ARG B 21 28.06 -25.80 -0.81
C ARG B 21 28.81 -25.50 0.48
N VAL B 22 28.85 -26.46 1.39
CA VAL B 22 29.55 -26.29 2.66
C VAL B 22 31.05 -26.07 2.37
N GLU B 23 31.56 -26.80 1.39
CA GLU B 23 32.96 -26.68 1.00
C GLU B 23 33.22 -25.32 0.33
N ASP B 24 32.30 -24.87 -0.52
CA ASP B 24 32.46 -23.57 -1.18
C ASP B 24 32.64 -22.48 -0.12
N VAL B 25 31.85 -22.57 0.96
CA VAL B 25 31.91 -21.59 2.03
C VAL B 25 33.19 -21.69 2.82
N ARG B 26 33.64 -22.91 3.10
CA ARG B 26 34.87 -23.10 3.86
C ARG B 26 36.03 -22.43 3.14
N LEU B 27 36.12 -22.68 1.84
CA LEU B 27 37.18 -22.10 1.03
C LEU B 27 37.13 -20.59 0.94
N ILE B 28 35.98 -20.04 0.56
CA ILE B 28 35.84 -18.60 0.41
C ILE B 28 36.11 -17.82 1.71
N ARG B 29 35.67 -18.37 2.83
CA ARG B 29 35.88 -17.74 4.12
C ARG B 29 37.35 -17.84 4.52
N GLU B 30 38.02 -18.87 4.01
CA GLU B 30 39.43 -19.09 4.26
C GLU B 30 40.22 -17.99 3.55
N GLN B 31 39.89 -17.76 2.28
CA GLN B 31 40.54 -16.76 1.46
C GLN B 31 40.10 -15.32 1.76
N HIS B 32 38.87 -15.15 2.21
CA HIS B 32 38.35 -13.80 2.51
C HIS B 32 37.62 -13.82 3.85
N PRO B 33 38.37 -13.85 4.96
CA PRO B 33 37.82 -13.88 6.32
C PRO B 33 36.94 -12.68 6.73
N THR B 34 37.01 -11.59 5.98
CA THR B 34 36.21 -10.41 6.31
C THR B 34 35.04 -10.22 5.33
N LYS B 35 34.79 -11.24 4.52
CA LYS B 35 33.70 -11.18 3.53
C LYS B 35 32.57 -12.15 3.87
N ILE B 36 31.36 -11.80 3.46
CA ILE B 36 30.20 -12.66 3.69
C ILE B 36 29.72 -13.22 2.34
N PRO B 37 29.67 -14.56 2.20
CA PRO B 37 29.23 -15.17 0.95
C PRO B 37 27.69 -15.10 0.90
N VAL B 38 27.15 -14.38 -0.07
CA VAL B 38 25.70 -14.22 -0.18
C VAL B 38 25.14 -14.72 -1.51
N ILE B 39 24.00 -15.40 -1.44
CA ILE B 39 23.34 -15.89 -2.62
C ILE B 39 22.08 -15.05 -2.81
N ILE B 40 22.02 -14.32 -3.92
CA ILE B 40 20.86 -13.47 -4.20
C ILE B 40 20.26 -13.88 -5.53
N GLU B 41 19.03 -14.36 -5.50
CA GLU B 41 18.34 -14.81 -6.71
C GLU B 41 16.97 -14.13 -6.76
N ARG B 42 16.38 -14.11 -7.95
CA ARG B 42 15.06 -13.52 -8.10
C ARG B 42 14.07 -14.56 -7.56
N TYR B 43 13.11 -14.11 -6.76
CA TYR B 43 12.10 -14.99 -6.21
C TYR B 43 11.39 -15.77 -7.32
N LYS B 44 11.18 -17.06 -7.11
CA LYS B 44 10.54 -17.92 -8.11
C LYS B 44 9.23 -17.35 -8.63
N GLY B 45 8.48 -16.68 -7.75
CA GLY B 45 7.21 -16.10 -8.14
C GLY B 45 7.30 -14.71 -8.75
N GLU B 46 8.49 -14.09 -8.69
CA GLU B 46 8.66 -12.75 -9.26
C GLU B 46 8.67 -12.80 -10.79
N LYS B 47 7.93 -11.90 -11.42
CA LYS B 47 7.85 -11.89 -12.86
C LYS B 47 8.20 -10.57 -13.54
N GLN B 48 8.18 -9.47 -12.79
CA GLN B 48 8.48 -8.18 -13.38
C GLN B 48 9.95 -7.77 -13.36
N LEU B 49 10.63 -8.02 -12.24
CA LEU B 49 12.04 -7.66 -12.13
C LEU B 49 12.94 -8.58 -12.97
N PRO B 50 13.98 -8.02 -13.59
CA PRO B 50 14.92 -8.78 -14.42
C PRO B 50 15.75 -9.80 -13.62
N VAL B 51 16.39 -10.71 -14.34
CA VAL B 51 17.23 -11.73 -13.73
C VAL B 51 18.68 -11.26 -13.82
N LEU B 52 19.46 -11.48 -12.76
CA LEU B 52 20.85 -11.05 -12.74
C LEU B 52 21.81 -11.99 -13.46
N ASP B 53 22.93 -11.41 -13.87
CA ASP B 53 24.00 -12.12 -14.56
C ASP B 53 24.62 -13.13 -13.60
N LYS B 54 24.88 -12.67 -12.38
CA LYS B 54 25.47 -13.50 -11.34
C LYS B 54 24.55 -13.56 -10.13
N THR B 55 24.65 -14.64 -9.36
CA THR B 55 23.82 -14.81 -8.18
C THR B 55 24.67 -15.01 -6.93
N LYS B 56 25.99 -15.04 -7.10
CA LYS B 56 26.90 -15.23 -5.97
C LYS B 56 27.64 -13.92 -5.69
N PHE B 57 27.49 -13.44 -4.47
CA PHE B 57 28.13 -12.18 -4.08
C PHE B 57 29.02 -12.35 -2.86
N LEU B 58 30.16 -11.66 -2.87
CA LEU B 58 31.08 -11.70 -1.75
C LEU B 58 31.03 -10.30 -1.18
N VAL B 59 30.35 -10.14 -0.05
CA VAL B 59 30.15 -8.83 0.57
C VAL B 59 31.00 -8.50 1.80
N PRO B 60 31.71 -7.36 1.77
CA PRO B 60 32.54 -6.95 2.91
C PRO B 60 31.59 -6.96 4.11
N ASP B 61 32.01 -7.55 5.22
CA ASP B 61 31.11 -7.64 6.36
C ASP B 61 30.65 -6.33 7.00
N HIS B 62 31.24 -5.20 6.61
CA HIS B 62 30.81 -3.93 7.19
C HIS B 62 29.68 -3.28 6.39
N VAL B 63 29.51 -3.69 5.14
CA VAL B 63 28.45 -3.14 4.30
C VAL B 63 27.07 -3.34 4.96
N ASN B 64 26.29 -2.26 5.07
CA ASN B 64 24.98 -2.37 5.69
C ASN B 64 23.87 -2.63 4.68
N MET B 65 22.66 -2.88 5.17
CA MET B 65 21.52 -3.18 4.29
C MET B 65 21.13 -2.04 3.37
N SER B 66 21.34 -0.81 3.82
CA SER B 66 21.01 0.34 2.98
C SER B 66 21.86 0.33 1.71
N GLU B 67 23.15 0.09 1.89
CA GLU B 67 24.10 0.04 0.78
C GLU B 67 23.85 -1.18 -0.12
N LEU B 68 23.60 -2.34 0.49
CA LEU B 68 23.34 -3.56 -0.28
C LEU B 68 22.13 -3.37 -1.17
N ILE B 69 21.03 -2.89 -0.59
CA ILE B 69 19.81 -2.64 -1.35
C ILE B 69 20.08 -1.72 -2.55
N LYS B 70 20.79 -0.61 -2.32
CA LYS B 70 21.10 0.33 -3.40
C LYS B 70 21.96 -0.24 -4.53
N ILE B 71 23.04 -0.93 -4.18
CA ILE B 71 23.89 -1.47 -5.23
C ILE B 71 23.17 -2.58 -6.02
N ILE B 72 22.30 -3.35 -5.35
CA ILE B 72 21.57 -4.39 -6.05
C ILE B 72 20.53 -3.71 -6.96
N ARG B 73 19.96 -2.61 -6.50
CA ARG B 73 18.99 -1.86 -7.32
C ARG B 73 19.75 -1.41 -8.58
N ARG B 74 20.99 -0.97 -8.39
CA ARG B 74 21.83 -0.53 -9.51
C ARG B 74 22.15 -1.69 -10.44
N ARG B 75 22.48 -2.84 -9.86
CA ARG B 75 22.79 -4.02 -10.67
C ARG B 75 21.57 -4.35 -11.54
N LEU B 76 20.39 -4.13 -11.00
CA LEU B 76 19.16 -4.40 -11.75
C LEU B 76 18.74 -3.20 -12.61
N GLN B 77 19.50 -2.10 -12.54
CA GLN B 77 19.23 -0.89 -13.33
C GLN B 77 17.85 -0.28 -13.05
N LEU B 78 17.43 -0.36 -11.79
CA LEU B 78 16.14 0.17 -11.39
C LEU B 78 16.20 1.63 -10.95
N ASN B 79 15.08 2.33 -11.10
CA ASN B 79 14.98 3.71 -10.65
C ASN B 79 14.52 3.64 -9.20
N ALA B 80 14.88 4.63 -8.40
CA ALA B 80 14.51 4.65 -6.98
C ALA B 80 13.00 4.51 -6.82
N ASN B 81 12.30 4.91 -7.87
CA ASN B 81 10.84 4.89 -7.99
C ASN B 81 10.20 3.53 -8.17
N GLN B 82 10.99 2.54 -8.57
CA GLN B 82 10.45 1.21 -8.82
C GLN B 82 10.48 0.33 -7.58
N ALA B 83 9.41 -0.44 -7.40
CA ALA B 83 9.28 -1.31 -6.24
C ALA B 83 10.33 -2.42 -6.23
N PHE B 84 11.07 -2.52 -5.14
CA PHE B 84 12.10 -3.53 -4.97
C PHE B 84 12.17 -3.96 -3.51
N PHE B 85 12.21 -5.26 -3.28
CA PHE B 85 12.32 -5.76 -1.91
C PHE B 85 13.29 -6.93 -1.91
N LEU B 86 14.14 -6.96 -0.89
CA LEU B 86 15.12 -8.02 -0.73
C LEU B 86 14.68 -8.78 0.52
N LEU B 87 14.25 -10.03 0.36
CA LEU B 87 13.78 -10.78 1.52
C LEU B 87 14.72 -11.89 1.97
N VAL B 88 14.87 -12.01 3.29
CA VAL B 88 15.71 -13.01 3.90
C VAL B 88 14.79 -13.85 4.78
N ASN B 89 14.78 -15.15 4.53
CA ASN B 89 13.93 -16.09 5.25
C ASN B 89 12.48 -15.63 5.31
N GLY B 90 12.01 -15.03 4.21
CA GLY B 90 10.63 -14.59 4.15
C GLY B 90 10.29 -13.16 4.54
N HIS B 91 11.24 -12.40 5.06
CA HIS B 91 10.96 -11.02 5.44
C HIS B 91 11.85 -9.99 4.73
N SER B 92 11.25 -8.85 4.40
CA SER B 92 11.97 -7.76 3.70
C SER B 92 13.00 -7.08 4.58
N MET B 93 14.08 -6.62 3.95
CA MET B 93 15.16 -5.94 4.64
C MET B 93 14.93 -4.44 4.56
N VAL B 94 14.99 -3.77 5.70
CA VAL B 94 14.79 -2.33 5.74
C VAL B 94 16.10 -1.60 5.42
N SER B 95 15.99 -0.51 4.66
CA SER B 95 17.15 0.28 4.28
C SER B 95 17.74 0.94 5.51
N VAL B 96 18.57 0.19 6.26
CA VAL B 96 19.16 0.71 7.48
C VAL B 96 20.65 0.42 7.66
N SER B 97 21.19 0.91 8.77
CA SER B 97 22.61 0.76 9.10
C SER B 97 23.05 -0.60 9.65
N THR B 98 22.17 -1.59 9.64
CA THR B 98 22.52 -2.92 10.13
C THR B 98 23.59 -3.53 9.21
N PRO B 99 24.71 -4.00 9.78
CA PRO B 99 25.77 -4.59 8.97
C PRO B 99 25.40 -6.00 8.50
N ILE B 100 25.84 -6.36 7.30
CA ILE B 100 25.56 -7.67 6.75
C ILE B 100 26.10 -8.77 7.68
N SER B 101 27.12 -8.42 8.46
CA SER B 101 27.71 -9.38 9.40
C SER B 101 26.72 -9.84 10.46
N GLU B 102 25.82 -8.96 10.88
CA GLU B 102 24.81 -9.33 11.89
C GLU B 102 23.71 -10.17 11.25
N VAL B 103 23.34 -9.82 10.03
CA VAL B 103 22.32 -10.58 9.33
C VAL B 103 22.84 -11.99 9.12
N TYR B 104 24.11 -12.11 8.75
CA TYR B 104 24.73 -13.41 8.52
C TYR B 104 24.69 -14.27 9.78
N GLU B 105 25.03 -13.66 10.90
CA GLU B 105 25.07 -14.36 12.18
C GLU B 105 23.71 -14.93 12.57
N SER B 106 22.64 -14.21 12.24
CA SER B 106 21.30 -14.65 12.62
C SER B 106 20.43 -15.27 11.52
N GLU B 107 20.79 -15.10 10.25
CA GLU B 107 19.97 -15.63 9.17
C GLU B 107 20.64 -16.59 8.19
N ARG B 108 21.93 -16.85 8.36
CA ARG B 108 22.62 -17.73 7.43
C ARG B 108 22.07 -19.15 7.41
N ASP B 109 22.23 -19.82 6.27
CA ASP B 109 21.76 -21.18 6.08
C ASP B 109 22.75 -22.15 6.75
N GLU B 110 22.33 -23.39 6.93
CA GLU B 110 23.20 -24.40 7.54
C GLU B 110 24.41 -24.70 6.67
N ASP B 111 24.31 -24.42 5.37
CA ASP B 111 25.42 -24.68 4.49
C ASP B 111 26.49 -23.59 4.53
N GLY B 112 26.22 -22.52 5.28
CA GLY B 112 27.17 -21.43 5.37
C GLY B 112 26.86 -20.18 4.56
N PHE B 113 26.04 -20.30 3.52
CA PHE B 113 25.68 -19.14 2.72
C PHE B 113 24.51 -18.40 3.34
N LEU B 114 24.38 -17.12 3.02
CA LEU B 114 23.26 -16.31 3.48
C LEU B 114 22.41 -16.19 2.22
N TYR B 115 21.17 -16.64 2.28
CA TYR B 115 20.30 -16.59 1.11
C TYR B 115 19.29 -15.45 1.11
N MET B 116 19.12 -14.84 -0.07
CA MET B 116 18.18 -13.75 -0.24
C MET B 116 17.48 -13.88 -1.58
N VAL B 117 16.26 -13.38 -1.66
CA VAL B 117 15.53 -13.38 -2.92
C VAL B 117 14.97 -11.97 -3.03
N TYR B 118 14.76 -11.51 -4.25
CA TYR B 118 14.22 -10.19 -4.43
C TYR B 118 12.93 -10.26 -5.23
N ALA B 119 12.04 -9.31 -4.96
CA ALA B 119 10.76 -9.28 -5.64
C ALA B 119 10.24 -7.86 -5.66
N SER B 120 9.18 -7.64 -6.44
CA SER B 120 8.54 -6.33 -6.50
C SER B 120 7.14 -6.58 -5.93
N GLN B 121 6.09 -6.18 -6.65
CA GLN B 121 4.73 -6.40 -6.15
C GLN B 121 3.82 -7.00 -7.21
N GLU B 122 2.78 -7.69 -6.76
CA GLU B 122 1.82 -8.29 -7.66
C GLU B 122 0.91 -7.19 -8.22
N THR B 123 0.23 -7.49 -9.32
CA THR B 123 -0.71 -6.53 -9.91
C THR B 123 -2.10 -7.09 -9.66
N PHE B 124 -3.10 -6.22 -9.69
CA PHE B 124 -4.47 -6.62 -9.42
C PHE B 124 -5.45 -6.20 -10.51
N GLY B 125 -6.46 -7.03 -10.69
CA GLY B 125 -7.49 -6.78 -11.69
C GLY B 125 -8.54 -7.85 -11.48
N THR B 126 -9.69 -7.69 -12.13
CA THR B 126 -10.75 -8.67 -11.96
C THR B 126 -11.17 -9.30 -13.29
N ALA B 127 -11.98 -10.34 -13.20
CA ALA B 127 -12.48 -11.04 -14.39
C ALA B 127 -13.34 -10.09 -15.22
#